data_1TKH
#
_entry.id   1TKH
#
_cell.length_a   60.465
_cell.length_b   60.465
_cell.length_c   143.637
_cell.angle_alpha   90.00
_cell.angle_beta   90.00
_cell.angle_gamma   90.00
#
_symmetry.space_group_name_H-M   'P 41 21 2'
#
loop_
_entity.id
_entity.type
_entity.pdbx_description
1 polymer Aminopeptidase
2 non-polymer 'ZINC ION'
3 non-polymer 'CALCIUM ION'
4 non-polymer D-PHENYLALANINE
5 water water
#
_entity_poly.entity_id   1
_entity_poly.type   'polypeptide(L)'
_entity_poly.pdbx_seq_one_letter_code
;APDIPLANVKAHLTQLSTIAANNGGNRAHGRPGYKASVDYVKAKLDAAGYTTTLQQFTSGGATGYNLIANWPGGDPNKVL
MAGAHLDSVSSGAGINDNGSGSAAVLETALAVSRAGYQPDKHLRFAWWGAEELGLIGSKFYVNNLPSADRSKLAGYLNFD
MIGSPNPGYFVYDDDPVIEKTFKNYFAGLNVPTEIETEGDGRSDHAPFKNVGVPVGGLFTGAGYTKSAAQAQKWGGTAGQ
AFDRCYHSSCDSLSNINDTALDRNSDAAAHAIWTLSSGTGEPPT
;
_entity_poly.pdbx_strand_id   A
#
loop_
_chem_comp.id
_chem_comp.type
_chem_comp.name
_chem_comp.formula
CA non-polymer 'CALCIUM ION' 'Ca 2'
ZN non-polymer 'ZINC ION' 'Zn 2'
#
# COMPACT_ATOMS: atom_id res chain seq x y z
N ALA A 1 2.67 0.63 -18.57
CA ALA A 1 1.99 -0.10 -17.51
C ALA A 1 0.52 -0.23 -17.95
N PRO A 2 -0.17 -1.24 -17.44
CA PRO A 2 -1.61 -1.33 -17.65
C PRO A 2 -2.34 -0.33 -16.74
N ASP A 3 -3.55 -0.10 -17.20
N ASP A 3 -3.59 -0.04 -17.06
CA ASP A 3 -4.50 0.47 -16.28
CA ASP A 3 -4.59 0.69 -16.30
C ASP A 3 -4.80 -0.55 -15.21
C ASP A 3 -5.23 -0.26 -15.29
N ILE A 4 -5.00 -0.10 -13.99
CA ILE A 4 -5.50 -0.99 -12.96
C ILE A 4 -7.02 -0.87 -12.87
N PRO A 5 -7.79 -1.95 -13.06
CA PRO A 5 -9.28 -1.79 -13.02
C PRO A 5 -9.76 -1.45 -11.62
N LEU A 6 -10.41 -0.26 -11.52
CA LEU A 6 -10.94 0.16 -10.22
C LEU A 6 -11.85 -0.90 -9.63
N ALA A 7 -12.68 -1.53 -10.47
CA ALA A 7 -13.66 -2.48 -9.93
C ALA A 7 -12.93 -3.66 -9.25
N ASN A 8 -11.77 -4.03 -9.76
CA ASN A 8 -11.06 -5.15 -9.13
C ASN A 8 -10.47 -4.74 -7.76
N VAL A 9 -9.97 -3.50 -7.71
CA VAL A 9 -9.44 -2.99 -6.42
C VAL A 9 -10.57 -2.94 -5.41
N LYS A 10 -11.74 -2.41 -5.83
CA LYS A 10 -12.92 -2.33 -4.96
C LYS A 10 -13.37 -3.70 -4.54
N ALA A 11 -13.27 -4.72 -5.37
CA ALA A 11 -13.68 -6.08 -4.99
C ALA A 11 -12.77 -6.64 -3.90
N HIS A 12 -11.42 -6.37 -3.95
CA HIS A 12 -10.60 -6.77 -2.81
C HIS A 12 -11.05 -6.09 -1.52
N LEU A 13 -11.42 -4.78 -1.60
CA LEU A 13 -11.89 -4.07 -0.40
C LEU A 13 -13.13 -4.76 0.13
N THR A 14 -14.05 -5.16 -0.76
CA THR A 14 -15.25 -5.83 -0.28
C THR A 14 -14.88 -7.09 0.46
N GLN A 15 -13.90 -7.84 -0.06
CA GLN A 15 -13.49 -9.06 0.65
C GLN A 15 -12.89 -8.75 2.01
N LEU A 16 -12.08 -7.70 2.12
CA LEU A 16 -11.51 -7.32 3.41
C LEU A 16 -12.63 -6.87 4.36
N SER A 17 -13.60 -6.15 3.86
CA SER A 17 -14.74 -5.71 4.69
C SER A 17 -15.48 -6.88 5.29
N THR A 18 -15.69 -7.89 4.44
CA THR A 18 -16.40 -9.05 4.93
C THR A 18 -15.57 -9.86 5.90
N ILE A 19 -14.25 -9.95 5.67
CA ILE A 19 -13.35 -10.57 6.64
C ILE A 19 -13.43 -9.87 7.98
N ALA A 20 -13.46 -8.54 8.00
CA ALA A 20 -13.57 -7.81 9.28
C ALA A 20 -14.90 -8.19 9.97
N ALA A 21 -16.01 -8.16 9.20
CA ALA A 21 -17.30 -8.43 9.80
C ALA A 21 -17.35 -9.82 10.39
N ASN A 22 -16.69 -10.76 9.74
CA ASN A 22 -16.69 -12.16 10.15
C ASN A 22 -15.78 -12.41 11.36
N ASN A 23 -14.95 -11.42 11.72
CA ASN A 23 -13.92 -11.61 12.74
C ASN A 23 -13.93 -10.46 13.71
N GLY A 24 -15.10 -10.17 14.30
CA GLY A 24 -15.16 -9.27 15.42
C GLY A 24 -15.13 -7.81 15.02
N GLY A 25 -15.17 -7.52 13.74
CA GLY A 25 -15.22 -6.13 13.28
C GLY A 25 -13.91 -5.50 12.92
N ASN A 26 -12.79 -6.25 12.93
CA ASN A 26 -11.49 -5.63 12.64
C ASN A 26 -10.56 -6.62 11.95
N ARG A 27 -9.40 -6.12 11.51
CA ARG A 27 -8.34 -6.91 10.92
C ARG A 27 -7.02 -6.59 11.65
N ALA A 28 -7.06 -6.59 12.99
CA ALA A 28 -5.92 -6.10 13.78
C ALA A 28 -4.96 -7.21 14.13
N HIS A 29 -3.70 -6.83 14.36
CA HIS A 29 -2.66 -7.75 14.80
C HIS A 29 -3.12 -8.56 16.00
N GLY A 30 -2.88 -9.87 15.97
CA GLY A 30 -3.16 -10.80 17.01
C GLY A 30 -4.60 -11.22 17.07
N ARG A 31 -5.42 -10.73 16.12
CA ARG A 31 -6.83 -11.10 16.02
C ARG A 31 -7.12 -11.81 14.71
N PRO A 32 -8.13 -12.66 14.70
CA PRO A 32 -8.31 -13.55 13.54
C PRO A 32 -8.56 -12.79 12.26
N GLY A 33 -9.07 -11.56 12.26
CA GLY A 33 -9.34 -10.86 11.01
C GLY A 33 -8.05 -10.56 10.28
N TYR A 34 -6.90 -10.42 11.00
CA TYR A 34 -5.64 -10.16 10.31
C TYR A 34 -5.17 -11.39 9.53
N LYS A 35 -5.03 -12.54 10.21
CA LYS A 35 -4.60 -13.75 9.48
C LYS A 35 -5.56 -14.07 8.35
N ALA A 36 -6.88 -13.87 8.51
CA ALA A 36 -7.80 -14.14 7.41
C ALA A 36 -7.55 -13.22 6.23
N SER A 37 -7.12 -11.97 6.52
CA SER A 37 -6.75 -11.02 5.45
C SER A 37 -5.53 -11.52 4.69
N VAL A 38 -4.51 -11.95 5.41
CA VAL A 38 -3.31 -12.56 4.83
C VAL A 38 -3.69 -13.74 3.96
N ASP A 39 -4.59 -14.63 4.46
CA ASP A 39 -4.91 -15.81 3.66
C ASP A 39 -5.58 -15.45 2.34
N TYR A 40 -6.44 -14.42 2.34
CA TYR A 40 -7.09 -13.97 1.13
C TYR A 40 -6.08 -13.49 0.10
N VAL A 41 -5.21 -12.54 0.50
CA VAL A 41 -4.21 -11.97 -0.41
C VAL A 41 -3.30 -13.06 -0.92
N LYS A 42 -2.83 -13.94 -0.03
CA LYS A 42 -1.88 -14.99 -0.41
C LYS A 42 -2.51 -15.90 -1.45
N ALA A 43 -3.78 -16.26 -1.27
CA ALA A 43 -4.42 -17.18 -2.21
C ALA A 43 -4.44 -16.55 -3.61
N LYS A 44 -4.77 -15.28 -3.70
CA LYS A 44 -4.77 -14.64 -5.03
C LYS A 44 -3.41 -14.64 -5.69
N LEU A 45 -2.37 -14.37 -4.88
CA LEU A 45 -0.98 -14.33 -5.40
C LEU A 45 -0.51 -15.69 -5.82
N ASP A 46 -0.81 -16.69 -4.98
CA ASP A 46 -0.36 -18.03 -5.34
C ASP A 46 -0.97 -18.43 -6.66
N ALA A 47 -2.26 -18.14 -6.88
CA ALA A 47 -2.97 -18.52 -8.09
C ALA A 47 -2.35 -17.84 -9.33
N ALA A 48 -1.76 -16.67 -9.13
CA ALA A 48 -1.20 -15.89 -10.21
C ALA A 48 0.23 -16.29 -10.54
N GLY A 49 0.86 -17.14 -9.75
CA GLY A 49 2.19 -17.66 -10.02
C GLY A 49 3.29 -17.09 -9.14
N TYR A 50 2.98 -16.26 -8.13
CA TYR A 50 3.99 -15.74 -7.23
C TYR A 50 4.56 -16.82 -6.34
N THR A 51 5.83 -16.65 -5.93
CA THR A 51 6.39 -17.42 -4.83
C THR A 51 6.11 -16.65 -3.54
N THR A 52 5.21 -17.19 -2.68
CA THR A 52 4.88 -16.43 -1.48
C THR A 52 5.55 -17.00 -0.23
N THR A 53 5.85 -16.10 0.69
CA THR A 53 6.44 -16.47 1.97
C THR A 53 5.65 -15.85 3.10
N LEU A 54 5.34 -16.62 4.12
CA LEU A 54 4.76 -16.07 5.34
C LEU A 54 5.89 -15.87 6.33
N GLN A 55 6.16 -14.63 6.66
CA GLN A 55 7.23 -14.32 7.64
C GLN A 55 6.57 -14.08 8.96
N GLN A 56 6.81 -14.97 9.93
CA GLN A 56 6.19 -14.88 11.25
C GLN A 56 7.05 -14.11 12.24
N PHE A 57 6.39 -13.38 13.15
CA PHE A 57 7.09 -12.68 14.23
C PHE A 57 6.16 -12.70 15.44
N THR A 58 6.69 -12.34 16.60
CA THR A 58 5.85 -12.21 17.79
C THR A 58 5.92 -10.79 18.30
N SER A 59 4.77 -10.21 18.56
CA SER A 59 4.77 -8.87 19.17
C SER A 59 3.60 -8.77 20.11
N GLY A 60 3.81 -8.24 21.32
CA GLY A 60 2.67 -8.13 22.23
C GLY A 60 2.09 -9.48 22.61
N GLY A 61 2.99 -10.47 22.65
CA GLY A 61 2.56 -11.80 23.02
C GLY A 61 1.71 -12.50 22.00
N ALA A 62 1.57 -11.97 20.81
CA ALA A 62 0.79 -12.58 19.74
C ALA A 62 1.55 -12.75 18.42
N THR A 63 1.28 -13.81 17.68
CA THR A 63 1.92 -14.07 16.40
C THR A 63 1.40 -13.08 15.35
N GLY A 64 2.36 -12.45 14.68
CA GLY A 64 2.08 -11.57 13.55
C GLY A 64 2.68 -12.19 12.29
N TYR A 65 2.28 -11.65 11.15
CA TYR A 65 2.77 -12.13 9.86
C TYR A 65 3.02 -10.99 8.90
N ASN A 66 4.09 -11.13 8.12
CA ASN A 66 4.23 -10.38 6.87
C ASN A 66 4.03 -11.37 5.72
N LEU A 67 3.40 -10.93 4.65
CA LEU A 67 3.25 -11.76 3.45
C LEU A 67 4.18 -11.20 2.38
N ILE A 68 5.13 -11.99 1.92
CA ILE A 68 6.11 -11.56 0.92
C ILE A 68 5.80 -12.31 -0.38
N ALA A 69 5.78 -11.63 -1.52
CA ALA A 69 5.47 -12.28 -2.78
C ALA A 69 6.52 -11.91 -3.80
N ASN A 70 7.31 -12.91 -4.21
CA ASN A 70 8.36 -12.69 -5.20
C ASN A 70 7.89 -13.14 -6.58
N TRP A 71 8.05 -12.29 -7.60
CA TRP A 71 7.64 -12.66 -8.97
C TRP A 71 8.83 -13.36 -9.61
N PRO A 72 8.80 -14.63 -9.90
CA PRO A 72 10.05 -15.27 -10.35
C PRO A 72 10.62 -14.59 -11.62
N GLY A 73 11.93 -14.41 -11.61
CA GLY A 73 12.66 -13.82 -12.72
C GLY A 73 13.27 -12.48 -12.32
N GLY A 74 13.90 -11.86 -13.31
CA GLY A 74 14.50 -10.53 -13.14
C GLY A 74 15.85 -10.59 -12.45
N ASP A 75 16.51 -9.46 -12.42
CA ASP A 75 17.88 -9.43 -11.89
C ASP A 75 17.87 -9.63 -10.39
N PRO A 76 18.46 -10.68 -9.85
CA PRO A 76 18.44 -10.84 -8.40
C PRO A 76 19.19 -9.72 -7.68
N ASN A 77 20.07 -9.04 -8.39
CA ASN A 77 20.86 -7.99 -7.76
C ASN A 77 20.23 -6.60 -7.85
N LYS A 78 19.05 -6.48 -8.46
CA LYS A 78 18.32 -5.21 -8.56
C LYS A 78 16.86 -5.54 -8.33
N VAL A 79 16.44 -5.40 -7.11
CA VAL A 79 15.09 -5.76 -6.69
C VAL A 79 14.27 -4.51 -6.44
N LEU A 80 13.08 -4.46 -7.06
CA LEU A 80 12.16 -3.37 -6.74
C LEU A 80 11.06 -3.92 -5.85
N MET A 81 10.87 -3.25 -4.69
CA MET A 81 9.79 -3.70 -3.78
C MET A 81 8.65 -2.69 -3.73
N ALA A 82 7.44 -3.19 -3.49
CA ALA A 82 6.28 -2.32 -3.29
C ALA A 82 5.46 -2.99 -2.21
N GLY A 83 4.88 -2.20 -1.31
CA GLY A 83 4.17 -2.78 -0.18
C GLY A 83 3.17 -1.86 0.47
N ALA A 84 2.46 -2.46 1.44
CA ALA A 84 1.31 -1.81 2.08
C ALA A 84 1.02 -2.59 3.35
N HIS A 85 0.72 -1.88 4.47
CA HIS A 85 0.40 -2.67 5.65
C HIS A 85 -1.04 -3.21 5.51
N LEU A 86 -1.22 -4.45 5.96
CA LEU A 86 -2.50 -5.18 5.81
C LEU A 86 -3.26 -5.25 7.13
N ASP A 87 -2.69 -4.76 8.24
CA ASP A 87 -3.47 -4.70 9.50
C ASP A 87 -4.29 -3.44 9.60
N SER A 88 -5.35 -3.54 10.40
CA SER A 88 -6.11 -2.36 10.82
C SER A 88 -5.96 -2.11 12.30
N VAL A 89 -6.36 -0.93 12.76
CA VAL A 89 -6.57 -0.76 14.19
C VAL A 89 -7.75 -1.61 14.64
N SER A 90 -7.92 -1.80 15.95
CA SER A 90 -9.00 -2.73 16.35
C SER A 90 -10.37 -2.05 16.38
N SER A 91 -10.46 -0.75 16.05
CA SER A 91 -11.81 -0.18 16.11
C SER A 91 -12.62 -0.47 14.88
N GLY A 92 -12.04 -0.97 13.78
CA GLY A 92 -12.88 -1.19 12.60
C GLY A 92 -12.15 -1.94 11.49
N ALA A 93 -12.75 -1.93 10.30
CA ALA A 93 -12.26 -2.78 9.24
C ALA A 93 -11.02 -2.19 8.57
N GLY A 94 -10.69 -0.93 8.81
CA GLY A 94 -9.50 -0.37 8.15
C GLY A 94 -9.56 -0.42 6.64
N ILE A 95 -10.69 0.01 6.04
CA ILE A 95 -10.77 -0.08 4.60
C ILE A 95 -9.90 0.94 3.90
N ASN A 96 -9.94 2.23 4.24
CA ASN A 96 -8.96 3.16 3.70
C ASN A 96 -7.59 2.97 4.37
N ASP A 97 -7.57 2.76 5.69
CA ASP A 97 -6.30 2.55 6.39
C ASP A 97 -6.17 1.13 6.88
N ASN A 98 -5.64 0.19 6.12
CA ASN A 98 -5.02 0.38 4.82
C ASN A 98 -5.39 -0.71 3.85
N GLY A 99 -6.69 -1.04 3.83
CA GLY A 99 -7.20 -1.84 2.73
C GLY A 99 -6.88 -1.18 1.40
N SER A 100 -6.98 0.16 1.32
CA SER A 100 -6.79 0.83 0.02
C SER A 100 -5.41 0.50 -0.55
N GLY A 101 -4.33 0.72 0.22
CA GLY A 101 -3.03 0.39 -0.32
C GLY A 101 -2.83 -1.09 -0.52
N SER A 102 -3.33 -1.91 0.41
CA SER A 102 -3.19 -3.35 0.29
C SER A 102 -3.84 -3.89 -0.99
N ALA A 103 -5.03 -3.35 -1.32
CA ALA A 103 -5.82 -3.77 -2.49
C ALA A 103 -5.16 -3.26 -3.77
N ALA A 104 -4.60 -2.07 -3.78
CA ALA A 104 -3.93 -1.49 -4.96
C ALA A 104 -2.68 -2.29 -5.26
N VAL A 105 -1.88 -2.61 -4.22
CA VAL A 105 -0.66 -3.38 -4.39
C VAL A 105 -1.02 -4.80 -4.85
N LEU A 106 -2.05 -5.42 -4.26
CA LEU A 106 -2.43 -6.76 -4.73
C LEU A 106 -2.85 -6.74 -6.19
N GLU A 107 -3.72 -5.77 -6.55
CA GLU A 107 -4.18 -5.77 -7.95
C GLU A 107 -3.02 -5.44 -8.89
N THR A 108 -2.08 -4.61 -8.50
CA THR A 108 -0.90 -4.38 -9.35
C THR A 108 -0.12 -5.69 -9.50
N ALA A 109 0.11 -6.45 -8.41
CA ALA A 109 0.78 -7.74 -8.54
C ALA A 109 0.02 -8.67 -9.48
N LEU A 110 -1.32 -8.69 -9.38
CA LEU A 110 -2.07 -9.56 -10.30
C LEU A 110 -1.97 -9.06 -11.72
N ALA A 111 -1.93 -7.74 -11.90
CA ALA A 111 -1.80 -7.15 -13.24
C ALA A 111 -0.47 -7.53 -13.88
N VAL A 112 0.61 -7.61 -13.10
CA VAL A 112 1.92 -8.06 -13.64
C VAL A 112 1.75 -9.43 -14.26
N SER A 113 1.08 -10.35 -13.56
CA SER A 113 0.86 -11.71 -14.05
C SER A 113 -0.05 -11.67 -15.30
N ARG A 114 -1.14 -10.92 -15.23
CA ARG A 114 -2.05 -10.84 -16.37
C ARG A 114 -1.40 -10.31 -17.64
N ALA A 115 -0.46 -9.38 -17.49
CA ALA A 115 0.24 -8.76 -18.62
C ALA A 115 1.39 -9.60 -19.14
N GLY A 116 1.74 -10.67 -18.43
CA GLY A 116 2.93 -11.45 -18.80
C GLY A 116 4.18 -10.55 -18.67
N TYR A 117 4.21 -9.62 -17.72
CA TYR A 117 5.35 -8.70 -17.61
C TYR A 117 6.54 -9.41 -16.99
N GLN A 118 7.70 -9.23 -17.59
CA GLN A 118 8.97 -9.74 -17.16
C GLN A 118 9.88 -8.54 -16.92
N PRO A 119 9.83 -7.92 -15.75
CA PRO A 119 10.66 -6.74 -15.49
C PRO A 119 12.13 -7.11 -15.49
N ASP A 120 12.97 -6.14 -15.90
CA ASP A 120 14.42 -6.31 -15.75
C ASP A 120 14.83 -6.48 -14.31
N LYS A 121 14.22 -5.72 -13.44
CA LYS A 121 14.47 -5.84 -12.00
C LYS A 121 13.56 -6.91 -11.44
N HIS A 122 14.05 -7.74 -10.51
CA HIS A 122 13.16 -8.64 -9.82
C HIS A 122 12.14 -7.90 -8.96
N LEU A 123 10.87 -8.27 -9.08
CA LEU A 123 9.79 -7.62 -8.35
C LEU A 123 9.45 -8.42 -7.09
N ARG A 124 9.28 -7.72 -5.99
CA ARG A 124 8.86 -8.35 -4.71
C ARG A 124 7.85 -7.41 -4.09
N PHE A 125 6.68 -7.98 -3.76
CA PHE A 125 5.60 -7.25 -3.11
C PHE A 125 5.50 -7.68 -1.65
N ALA A 126 5.02 -6.80 -0.77
CA ALA A 126 4.86 -7.15 0.66
C ALA A 126 3.62 -6.53 1.24
N TRP A 127 3.01 -7.33 2.12
CA TRP A 127 1.89 -6.92 2.94
C TRP A 127 2.34 -7.02 4.39
N TRP A 128 2.43 -5.89 5.08
CA TRP A 128 3.03 -5.87 6.41
C TRP A 128 2.00 -6.07 7.52
N GLY A 129 2.43 -6.85 8.52
CA GLY A 129 1.65 -6.95 9.72
C GLY A 129 2.02 -5.90 10.76
N ALA A 130 1.10 -5.66 11.69
CA ALA A 130 1.38 -4.89 12.90
C ALA A 130 1.97 -3.54 12.65
N GLU A 131 1.62 -2.92 11.51
CA GLU A 131 2.07 -1.52 11.35
C GLU A 131 1.46 -0.67 12.44
N GLU A 132 0.23 -0.95 12.88
CA GLU A 132 -0.42 -0.05 13.82
C GLU A 132 0.14 -0.17 15.23
N LEU A 133 1.02 -1.16 15.43
CA LEU A 133 1.71 -1.31 16.72
C LEU A 133 3.01 -0.49 16.72
N GLY A 134 3.38 0.09 15.60
CA GLY A 134 4.63 0.86 15.51
C GLY A 134 5.53 0.31 14.43
N LEU A 135 4.99 0.05 13.24
CA LEU A 135 5.82 -0.48 12.13
C LEU A 135 6.48 -1.79 12.47
N ILE A 136 5.83 -2.65 13.28
CA ILE A 136 6.56 -3.81 13.81
C ILE A 136 6.90 -4.81 12.69
N GLY A 137 5.97 -5.08 11.78
CA GLY A 137 6.24 -6.02 10.67
C GLY A 137 7.29 -5.56 9.71
N SER A 138 7.21 -4.30 9.25
CA SER A 138 8.22 -3.82 8.31
C SER A 138 9.58 -3.67 9.00
N LYS A 139 9.62 -3.26 10.26
CA LYS A 139 10.89 -3.26 11.02
C LYS A 139 11.43 -4.70 11.10
N PHE A 140 10.54 -5.68 11.39
CA PHE A 140 11.01 -7.06 11.46
C PHE A 140 11.62 -7.48 10.12
N TYR A 141 10.96 -7.18 9.02
CA TYR A 141 11.47 -7.56 7.70
C TYR A 141 12.84 -6.94 7.48
N VAL A 142 12.97 -5.60 7.67
CA VAL A 142 14.27 -4.96 7.36
C VAL A 142 15.34 -5.49 8.30
N ASN A 143 14.97 -5.63 9.58
CA ASN A 143 15.94 -6.09 10.59
C ASN A 143 16.45 -7.50 10.27
N ASN A 144 15.67 -8.31 9.58
CA ASN A 144 16.00 -9.67 9.26
C ASN A 144 16.39 -9.85 7.80
N LEU A 145 16.50 -8.79 7.04
CA LEU A 145 17.01 -8.86 5.66
C LEU A 145 18.51 -8.68 5.69
N PRO A 146 19.30 -9.68 5.31
CA PRO A 146 20.76 -9.56 5.36
C PRO A 146 21.26 -8.34 4.60
N SER A 147 22.38 -7.79 5.03
CA SER A 147 22.96 -6.60 4.39
C SER A 147 23.16 -6.85 2.91
N ALA A 148 23.56 -8.07 2.50
CA ALA A 148 23.79 -8.33 1.08
C ALA A 148 22.49 -8.16 0.30
N ASP A 149 21.37 -8.60 0.87
CA ASP A 149 20.06 -8.45 0.24
C ASP A 149 19.57 -7.00 0.30
N ARG A 150 19.82 -6.29 1.39
CA ARG A 150 19.41 -4.89 1.44
C ARG A 150 20.08 -4.13 0.30
N SER A 151 21.34 -4.43 0.03
CA SER A 151 22.07 -3.72 -1.03
C SER A 151 21.52 -4.00 -2.43
N LYS A 152 20.78 -5.09 -2.59
CA LYS A 152 20.15 -5.45 -3.85
C LYS A 152 18.88 -4.66 -4.06
N LEU A 153 18.34 -3.97 -3.05
CA LEU A 153 17.08 -3.23 -3.26
C LEU A 153 17.30 -1.94 -4.01
N ALA A 154 16.68 -1.84 -5.17
CA ALA A 154 16.67 -0.62 -5.97
C ALA A 154 15.71 0.42 -5.42
N GLY A 155 14.67 -0.03 -4.70
CA GLY A 155 13.68 0.88 -4.15
C GLY A 155 12.62 0.14 -3.34
N TYR A 156 11.95 0.87 -2.48
CA TYR A 156 10.74 0.38 -1.81
C TYR A 156 9.69 1.46 -1.99
N LEU A 157 8.54 1.05 -2.56
CA LEU A 157 7.40 1.94 -2.80
C LEU A 157 6.30 1.64 -1.79
N ASN A 158 5.80 2.62 -1.06
CA ASN A 158 4.80 2.40 -0.01
C ASN A 158 3.47 3.00 -0.39
N PHE A 159 2.41 2.28 -0.05
CA PHE A 159 1.04 2.76 -0.30
C PHE A 159 0.20 2.55 0.97
N ASP A 160 0.00 3.64 1.71
CA ASP A 160 -0.69 3.59 3.00
C ASP A 160 -1.67 4.75 3.03
N MET A 161 -2.96 4.48 2.86
CA MET A 161 -4.09 5.39 2.77
C MET A 161 -4.05 6.14 1.42
N ILE A 162 -4.72 5.53 0.44
CA ILE A 162 -4.70 6.10 -0.93
C ILE A 162 -6.11 6.23 -1.49
N GLY A 163 -7.14 6.03 -0.67
CA GLY A 163 -8.54 6.18 -1.08
C GLY A 163 -9.28 7.15 -0.18
N SER A 164 -8.64 8.13 0.43
CA SER A 164 -9.31 8.96 1.45
C SER A 164 -10.58 9.62 0.90
N PRO A 165 -11.64 9.66 1.72
CA PRO A 165 -12.94 10.18 1.26
C PRO A 165 -12.94 11.65 0.88
N ASN A 166 -12.06 12.47 1.46
CA ASN A 166 -11.97 13.90 1.09
C ASN A 166 -10.54 14.14 0.67
N PRO A 167 -10.12 13.54 -0.43
CA PRO A 167 -8.68 13.33 -0.64
C PRO A 167 -7.86 14.54 -1.04
N GLY A 168 -6.56 14.48 -0.67
CA GLY A 168 -5.48 15.21 -1.30
C GLY A 168 -4.66 14.24 -2.12
N TYR A 169 -3.76 14.73 -2.97
CA TYR A 169 -2.87 13.88 -3.74
C TYR A 169 -1.45 14.21 -3.33
N PHE A 170 -0.92 13.39 -2.40
CA PHE A 170 0.40 13.62 -1.84
C PHE A 170 1.33 12.55 -2.37
N VAL A 171 2.55 12.98 -2.69
CA VAL A 171 3.62 12.11 -3.19
C VAL A 171 4.80 12.26 -2.23
N TYR A 172 5.39 11.18 -1.76
CA TYR A 172 6.50 11.30 -0.82
C TYR A 172 7.66 12.07 -1.46
N ASP A 173 8.32 12.91 -0.67
CA ASP A 173 9.48 13.65 -1.24
C ASP A 173 10.75 13.00 -0.74
N ASP A 174 11.00 11.77 -1.16
CA ASP A 174 12.17 11.03 -0.71
C ASP A 174 13.10 10.82 -1.89
N ASP A 175 13.36 9.58 -2.34
CA ASP A 175 14.23 9.41 -3.50
C ASP A 175 13.74 10.19 -4.70
N PRO A 176 14.59 10.95 -5.39
CA PRO A 176 14.11 11.84 -6.45
C PRO A 176 13.58 11.09 -7.67
N VAL A 177 14.16 9.97 -8.06
CA VAL A 177 13.68 9.28 -9.25
C VAL A 177 12.32 8.67 -8.99
N ILE A 178 12.13 8.10 -7.80
CA ILE A 178 10.81 7.53 -7.47
C ILE A 178 9.78 8.64 -7.45
N GLU A 179 10.10 9.74 -6.77
CA GLU A 179 9.14 10.87 -6.69
C GLU A 179 8.77 11.38 -8.08
N LYS A 180 9.77 11.55 -8.95
CA LYS A 180 9.49 12.08 -10.28
C LYS A 180 8.56 11.16 -11.07
N THR A 181 8.76 9.85 -10.96
CA THR A 181 7.92 8.93 -11.71
C THR A 181 6.47 9.00 -11.29
N PHE A 182 6.18 9.07 -9.97
CA PHE A 182 4.80 9.30 -9.52
C PHE A 182 4.29 10.63 -10.02
N LYS A 183 5.08 11.70 -9.88
CA LYS A 183 4.56 13.04 -10.27
C LYS A 183 4.30 13.06 -11.77
N ASN A 184 5.08 12.34 -12.56
CA ASN A 184 4.81 12.33 -13.98
C ASN A 184 3.46 11.73 -14.29
N TYR A 185 3.08 10.66 -13.55
CA TYR A 185 1.79 10.06 -13.85
C TYR A 185 0.70 11.12 -13.63
N PHE A 186 0.75 11.79 -12.46
CA PHE A 186 -0.32 12.77 -12.16
C PHE A 186 -0.29 13.93 -13.15
N ALA A 187 0.92 14.33 -13.59
CA ALA A 187 0.99 15.40 -14.57
C ALA A 187 0.19 15.03 -15.81
N GLY A 188 0.24 13.75 -16.19
CA GLY A 188 -0.44 13.31 -17.41
C GLY A 188 -1.94 13.37 -17.24
N LEU A 189 -2.44 13.39 -15.99
CA LEU A 189 -3.83 13.51 -15.69
C LEU A 189 -4.23 14.97 -15.48
N ASN A 190 -3.25 15.86 -15.44
CA ASN A 190 -3.45 17.24 -15.04
C ASN A 190 -4.07 17.29 -13.64
N VAL A 191 -3.59 16.47 -12.72
CA VAL A 191 -3.95 16.52 -11.32
C VAL A 191 -2.73 16.99 -10.52
N PRO A 192 -2.80 18.13 -9.85
CA PRO A 192 -1.64 18.62 -9.13
C PRO A 192 -1.38 17.69 -7.91
N THR A 193 -0.12 17.60 -7.49
CA THR A 193 0.20 16.89 -6.26
C THR A 193 0.96 17.81 -5.33
N GLU A 194 1.00 17.41 -4.06
CA GLU A 194 1.80 18.13 -3.08
C GLU A 194 2.73 17.16 -2.36
N ILE A 195 3.82 17.67 -1.79
CA ILE A 195 4.71 16.81 -1.01
C ILE A 195 4.09 16.31 0.26
N GLU A 196 4.37 15.03 0.54
CA GLU A 196 3.74 14.48 1.74
C GLU A 196 4.42 15.07 2.96
N THR A 197 3.64 15.62 3.89
CA THR A 197 4.28 16.04 5.15
C THR A 197 3.56 15.50 6.40
N GLU A 198 2.23 15.38 6.26
CA GLU A 198 1.38 14.85 7.33
C GLU A 198 2.03 13.61 7.94
N ARG A 202 4.19 8.18 10.66
CA ARG A 202 5.18 7.44 9.87
C ARG A 202 4.45 6.27 9.18
N SER A 203 5.17 5.47 8.44
CA SER A 203 4.57 4.31 7.77
C SER A 203 5.72 3.35 7.44
N ASP A 204 5.40 2.26 6.72
CA ASP A 204 6.37 1.16 6.54
C ASP A 204 7.52 1.46 5.61
N HIS A 205 7.54 2.59 4.91
CA HIS A 205 8.77 2.94 4.22
C HIS A 205 9.87 3.35 5.20
N ALA A 206 9.52 3.77 6.43
CA ALA A 206 10.56 4.31 7.33
C ALA A 206 11.69 3.32 7.60
N PRO A 207 11.45 2.06 7.92
CA PRO A 207 12.60 1.17 8.18
C PRO A 207 13.48 0.97 6.97
N PHE A 208 12.92 1.01 5.77
CA PHE A 208 13.75 0.96 4.55
C PHE A 208 14.54 2.23 4.35
N LYS A 209 13.84 3.37 4.45
CA LYS A 209 14.51 4.68 4.28
C LYS A 209 15.68 4.81 5.23
N ASN A 210 15.46 4.35 6.45
CA ASN A 210 16.44 4.57 7.50
C ASN A 210 17.70 3.75 7.33
N VAL A 211 17.65 2.75 6.45
CA VAL A 211 18.88 1.98 6.16
C VAL A 211 19.34 2.27 4.75
N GLY A 212 18.89 3.37 4.12
CA GLY A 212 19.52 3.81 2.88
C GLY A 212 18.89 3.24 1.63
N VAL A 213 17.79 2.51 1.72
CA VAL A 213 17.08 2.04 0.55
C VAL A 213 16.31 3.20 -0.04
N PRO A 214 16.38 3.48 -1.34
CA PRO A 214 15.53 4.54 -1.91
C PRO A 214 14.04 4.22 -1.66
N VAL A 215 13.28 5.23 -1.23
CA VAL A 215 11.85 5.00 -1.04
C VAL A 215 11.05 6.09 -1.70
N GLY A 216 9.75 5.76 -1.86
CA GLY A 216 8.75 6.79 -2.21
C GLY A 216 7.36 6.22 -1.95
N GLY A 217 6.34 6.98 -2.33
CA GLY A 217 4.99 6.49 -2.06
C GLY A 217 3.95 7.54 -2.35
N LEU A 218 2.71 7.13 -2.13
CA LEU A 218 1.50 7.91 -2.36
C LEU A 218 0.65 7.94 -1.11
N PHE A 219 -0.04 9.04 -0.88
CA PHE A 219 -0.88 9.21 0.32
C PHE A 219 -1.98 10.21 -0.01
N THR A 220 -3.21 9.97 0.47
CA THR A 220 -4.31 10.89 0.19
C THR A 220 -4.81 11.64 1.42
N GLY A 221 -4.10 11.57 2.56
CA GLY A 221 -4.43 12.35 3.75
C GLY A 221 -5.16 11.55 4.80
N ALA A 222 -4.98 11.97 6.05
CA ALA A 222 -5.58 11.25 7.19
C ALA A 222 -6.30 12.27 8.07
N GLY A 223 -5.89 12.43 9.31
CA GLY A 223 -6.62 13.24 10.27
C GLY A 223 -6.44 14.71 10.14
N TYR A 224 -5.48 15.21 9.37
CA TYR A 224 -5.32 16.64 9.19
C TYR A 224 -6.45 17.22 8.33
N THR A 225 -6.65 18.51 8.46
CA THR A 225 -7.77 19.22 7.78
C THR A 225 -7.41 19.71 6.41
N LYS A 226 -8.20 19.43 5.38
CA LYS A 226 -7.96 20.01 4.05
C LYS A 226 -8.08 21.52 4.10
N SER A 227 -7.13 22.22 3.51
CA SER A 227 -7.18 23.67 3.50
C SER A 227 -8.09 24.19 2.38
N ALA A 228 -8.40 25.49 2.43
CA ALA A 228 -9.13 26.12 1.34
C ALA A 228 -8.41 25.92 0.01
N ALA A 229 -7.11 26.16 -0.02
CA ALA A 229 -6.31 26.05 -1.23
C ALA A 229 -6.32 24.63 -1.77
N GLN A 230 -6.28 23.64 -0.87
CA GLN A 230 -6.33 22.24 -1.30
C GLN A 230 -7.70 21.88 -1.84
N ALA A 231 -8.80 22.39 -1.28
CA ALA A 231 -10.11 22.13 -1.83
C ALA A 231 -10.22 22.81 -3.18
N GLN A 232 -9.61 23.98 -3.35
CA GLN A 232 -9.68 24.57 -4.71
C GLN A 232 -8.96 23.71 -5.74
N LYS A 233 -7.85 23.06 -5.34
CA LYS A 233 -7.18 22.34 -6.45
C LYS A 233 -7.71 20.93 -6.63
N TRP A 234 -8.30 20.31 -5.61
CA TRP A 234 -8.69 18.90 -5.69
C TRP A 234 -10.16 18.65 -5.49
N GLY A 235 -10.94 19.64 -5.10
CA GLY A 235 -12.36 19.46 -4.75
C GLY A 235 -12.47 18.98 -3.29
N GLY A 236 -13.68 18.49 -2.99
CA GLY A 236 -13.99 18.06 -1.62
C GLY A 236 -14.36 19.23 -0.73
N THR A 237 -13.94 19.15 0.52
CA THR A 237 -14.41 20.05 1.56
C THR A 237 -13.27 20.63 2.38
N ALA A 238 -13.08 21.96 2.27
CA ALA A 238 -12.14 22.63 3.14
C ALA A 238 -12.62 22.62 4.57
N GLY A 239 -11.70 22.51 5.51
CA GLY A 239 -12.06 22.48 6.91
C GLY A 239 -12.51 21.14 7.39
N GLN A 240 -12.51 20.11 6.55
CA GLN A 240 -12.81 18.74 7.00
C GLN A 240 -11.55 17.89 6.88
N ALA A 241 -11.40 16.90 7.73
CA ALA A 241 -10.27 15.96 7.61
C ALA A 241 -10.27 15.34 6.24
N PHE A 242 -9.08 14.98 5.75
CA PHE A 242 -8.98 14.17 4.53
C PHE A 242 -9.68 12.84 4.72
N ASP A 243 -9.55 12.28 5.92
CA ASP A 243 -10.25 11.04 6.22
C ASP A 243 -10.95 11.25 7.55
N ARG A 244 -12.25 11.52 7.49
CA ARG A 244 -13.06 11.74 8.68
C ARG A 244 -13.33 10.48 9.47
N CYS A 245 -12.92 9.32 8.93
CA CYS A 245 -13.08 8.05 9.64
C CYS A 245 -11.75 7.41 9.94
N TYR A 246 -10.69 8.24 10.01
CA TYR A 246 -9.34 7.71 10.31
C TYR A 246 -9.37 6.96 11.60
N HIS A 247 -8.91 5.73 11.58
CA HIS A 247 -8.80 4.87 12.75
C HIS A 247 -10.16 4.65 13.44
N SER A 248 -11.26 4.77 12.71
CA SER A 248 -12.59 4.72 13.27
C SER A 248 -13.37 3.49 12.83
N SER A 249 -14.47 3.25 13.57
CA SER A 249 -15.35 2.18 13.13
C SER A 249 -15.96 2.44 11.75
N CYS A 250 -16.06 3.73 11.39
CA CYS A 250 -16.62 4.10 10.09
C CYS A 250 -15.61 4.04 8.97
N ASP A 251 -14.40 3.51 9.18
CA ASP A 251 -13.44 3.25 8.08
C ASP A 251 -13.80 1.95 7.38
N SER A 252 -14.97 2.06 6.69
CA SER A 252 -15.68 1.00 6.03
C SER A 252 -15.66 1.14 4.52
N LEU A 253 -16.41 0.31 3.83
CA LEU A 253 -16.48 0.44 2.36
C LEU A 253 -16.97 1.80 1.93
N SER A 254 -17.74 2.49 2.77
N SER A 254 -17.73 2.50 2.76
CA SER A 254 -18.23 3.83 2.43
CA SER A 254 -18.21 3.83 2.41
C SER A 254 -17.11 4.87 2.56
C SER A 254 -17.12 4.89 2.58
N ASN A 255 -15.97 4.52 3.14
CA ASN A 255 -14.93 5.52 3.43
C ASN A 255 -13.89 5.60 2.33
N ILE A 256 -14.33 5.51 1.08
CA ILE A 256 -13.41 5.48 -0.05
C ILE A 256 -13.84 6.51 -1.09
N ASN A 257 -12.91 7.30 -1.55
CA ASN A 257 -13.16 8.09 -2.78
C ASN A 257 -12.66 7.29 -3.97
N ASP A 258 -13.57 6.86 -4.85
CA ASP A 258 -13.19 5.97 -5.95
C ASP A 258 -12.22 6.64 -6.87
N THR A 259 -12.38 7.93 -7.19
CA THR A 259 -11.43 8.58 -8.10
C THR A 259 -10.02 8.55 -7.54
N ALA A 260 -9.84 8.90 -6.25
CA ALA A 260 -8.48 8.86 -5.65
C ALA A 260 -7.93 7.44 -5.68
N LEU A 261 -8.76 6.45 -5.28
CA LEU A 261 -8.30 5.07 -5.29
C LEU A 261 -7.87 4.62 -6.68
N ASP A 262 -8.63 4.97 -7.68
CA ASP A 262 -8.34 4.60 -9.06
C ASP A 262 -7.06 5.26 -9.51
N ARG A 263 -6.96 6.57 -9.38
CA ARG A 263 -5.75 7.27 -9.83
C ARG A 263 -4.51 6.74 -9.12
N ASN A 264 -4.58 6.55 -7.77
CA ASN A 264 -3.38 6.09 -7.06
C ASN A 264 -3.06 4.64 -7.41
N SER A 265 -4.04 3.80 -7.67
CA SER A 265 -3.75 2.43 -8.13
C SER A 265 -3.05 2.47 -9.50
N ASP A 266 -3.55 3.34 -10.38
CA ASP A 266 -2.95 3.46 -11.74
C ASP A 266 -1.54 4.01 -11.61
N ALA A 267 -1.34 4.97 -10.71
CA ALA A 267 -0.01 5.53 -10.50
C ALA A 267 0.95 4.51 -9.90
N ALA A 268 0.44 3.67 -9.00
CA ALA A 268 1.30 2.57 -8.42
C ALA A 268 1.82 1.72 -9.54
N ALA A 269 0.88 1.29 -10.44
CA ALA A 269 1.35 0.45 -11.55
C ALA A 269 2.30 1.19 -12.47
N HIS A 270 2.00 2.45 -12.78
CA HIS A 270 2.91 3.23 -13.63
C HIS A 270 4.33 3.24 -13.06
N ALA A 271 4.44 3.53 -11.76
CA ALA A 271 5.76 3.62 -11.15
C ALA A 271 6.43 2.24 -11.07
N ILE A 272 5.67 1.17 -10.73
CA ILE A 272 6.27 -0.19 -10.64
C ILE A 272 6.81 -0.58 -11.99
N TRP A 273 6.07 -0.32 -13.09
CA TRP A 273 6.59 -0.67 -14.43
C TRP A 273 7.83 0.16 -14.74
N THR A 274 7.75 1.48 -14.57
CA THR A 274 8.81 2.39 -14.99
C THR A 274 10.08 2.06 -14.24
N LEU A 275 9.98 1.87 -12.92
CA LEU A 275 11.19 1.69 -12.12
C LEU A 275 11.75 0.30 -12.20
N SER A 276 11.05 -0.64 -12.83
CA SER A 276 11.55 -2.02 -12.90
C SER A 276 12.10 -2.36 -14.28
N SER A 277 11.99 -1.43 -15.22
CA SER A 277 12.52 -1.56 -16.57
C SER A 277 14.04 -1.62 -16.57
ZN ZN B . -1.89 3.07 7.55
ZN ZN C . -3.32 3.73 10.80
CA CA D . -7.74 2.51 -13.44
N DPN E . -17.21 5.67 -3.01
CA DPN E . -17.77 7.03 -2.89
C DPN E . -17.16 7.96 -3.93
O DPN E . -16.26 7.58 -4.67
OXT DPN E . -17.58 9.14 -4.05
CB DPN E . -19.29 7.05 -3.05
CG DPN E . -19.97 6.21 -2.00
CD1 DPN E . -19.91 6.63 -0.67
CD2 DPN E . -20.63 5.03 -2.33
CE1 DPN E . -20.52 5.90 0.35
CE2 DPN E . -21.22 4.29 -1.32
CZ DPN E . -21.17 4.71 0.00
N DPN F . 0.50 6.37 10.05
CA DPN F . -0.35 5.76 9.03
C DPN F . -1.41 4.86 9.68
O DPN F . -2.10 5.34 10.60
OXT DPN F . -1.56 3.69 9.31
CB DPN F . -0.99 6.83 8.14
CG DPN F . 0.01 7.59 7.30
CD1 DPN F . 0.62 7.00 6.20
CD2 DPN F . 0.33 8.88 7.62
CE1 DPN F . 1.55 7.70 5.46
CE2 DPN F . 1.26 9.60 6.87
CZ DPN F . 1.86 9.00 5.77
#